data_6XBH
#
_entry.id   6XBH
#
_cell.length_a   113.190
_cell.length_b   54.512
_cell.length_c   45.129
_cell.angle_alpha   90.000
_cell.angle_beta   100.020
_cell.angle_gamma   90.000
#
_symmetry.space_group_name_H-M   'C 1 2 1'
#
loop_
_entity.id
_entity.type
_entity.pdbx_description
1 polymer '3C-like proteinase'
2 polymer 'inhibitor UAW247'
3 non-polymer GLYCEROL
4 non-polymer 'SODIUM ION'
5 water water
#
loop_
_entity_poly.entity_id
_entity_poly.type
_entity_poly.pdbx_seq_one_letter_code
_entity_poly.pdbx_strand_id
1 'polypeptide(L)'
;HMSGFRKMAFPSGKVEGCMVQVTCGTTTLNGLWLDDVVYCPRHVICTSEDMLNPNYEDLLIRKSNHNFLVQAGNVQLRVI
GHSMQNCVLKLKVDTANPKTPKYKFVRIQPGQTFSVLACYNGSPSGVYQCAMRPNFTIKGSFLNGSCGSVGFNIDYDCVS
FCYMHHMELPTGVHAGTDLEGNFYGPFVDRQTAQAAGTDTTITVNVLAWLYAAVINGDRWFLNRFTTTLNDFNLVAMKYN
YEPLTQDHVDILGPLSAQTGIAVLDMCASLKELLQNGMNGRTILGSALLEDEFTPFDVVRQCSGVTFQ
;
A
2 'polypeptide(L)' (P6S)F(ELL) C
#
loop_
_chem_comp.id
_chem_comp.type
_chem_comp.name
_chem_comp.formula
ELL non-polymer (2S)-2-azanyl-3-[(3S)-2-oxidanylidenepyrrolidin-3-yl]propanal 'C7 H12 N2 O2'
GOL non-polymer GLYCEROL 'C3 H8 O3'
NA non-polymer 'SODIUM ION' 'Na 1'
P6S non-polymer 'benzyl hydrogen carbonate' 'C8 H8 O3'
#
# COMPACT_ATOMS: atom_id res chain seq x y z
N GLY A 4 22.09 -8.72 2.87
CA GLY A 4 21.76 -9.46 1.61
C GLY A 4 20.26 -9.56 1.36
N PHE A 5 19.44 -8.71 2.01
CA PHE A 5 17.96 -8.77 1.99
C PHE A 5 17.37 -7.36 2.13
N ARG A 6 16.93 -6.80 1.01
CA ARG A 6 16.51 -5.38 0.85
C ARG A 6 14.98 -5.30 0.68
N LYS A 7 14.40 -4.22 1.18
CA LYS A 7 12.97 -3.90 0.90
C LYS A 7 12.87 -3.39 -0.55
N MET A 8 12.45 -4.26 -1.45
CA MET A 8 12.48 -3.99 -2.91
C MET A 8 11.09 -3.60 -3.38
N ALA A 9 11.03 -2.55 -4.18
CA ALA A 9 9.81 -2.10 -4.89
C ALA A 9 9.77 -2.74 -6.25
N PHE A 10 8.59 -2.86 -6.83
CA PHE A 10 8.46 -3.28 -8.24
C PHE A 10 9.06 -2.20 -9.14
N PRO A 11 9.57 -2.59 -10.33
CA PRO A 11 9.96 -1.62 -11.34
C PRO A 11 8.74 -0.77 -11.70
N SER A 12 8.95 0.52 -11.82
CA SER A 12 7.84 1.50 -11.86
C SER A 12 7.51 1.98 -13.28
N GLY A 13 8.26 1.58 -14.30
CA GLY A 13 8.12 2.21 -15.63
C GLY A 13 6.69 2.18 -16.16
N LYS A 14 6.01 1.05 -16.02
CA LYS A 14 4.66 0.86 -16.63
C LYS A 14 3.69 1.83 -15.96
N VAL A 15 3.96 2.19 -14.72
CA VAL A 15 3.09 3.16 -13.98
C VAL A 15 3.48 4.60 -14.33
N GLU A 16 4.76 4.87 -14.50
CA GLU A 16 5.25 6.23 -14.76
C GLU A 16 4.52 6.82 -15.98
N GLY A 17 4.33 6.03 -17.04
CA GLY A 17 3.71 6.52 -18.29
C GLY A 17 2.23 6.80 -18.14
N CYS A 18 1.66 6.47 -16.99
CA CYS A 18 0.23 6.73 -16.67
C CYS A 18 0.05 7.98 -15.80
N MET A 19 1.08 8.58 -15.24
CA MET A 19 0.86 9.67 -14.26
C MET A 19 0.64 10.99 -14.98
N VAL A 20 -0.36 11.76 -14.57
CA VAL A 20 -0.67 13.11 -15.10
C VAL A 20 -0.96 14.06 -13.94
N GLN A 21 -0.95 15.36 -14.27
CA GLN A 21 -1.26 16.44 -13.30
C GLN A 21 -2.72 16.82 -13.48
N VAL A 22 -3.48 16.92 -12.40
CA VAL A 22 -4.90 17.37 -12.40
C VAL A 22 -4.99 18.60 -11.50
N THR A 23 -5.50 19.71 -12.06
CA THR A 23 -5.74 20.95 -11.33
C THR A 23 -7.22 21.30 -11.41
N CYS A 24 -7.80 21.66 -10.27
CA CYS A 24 -9.16 22.22 -10.18
C CYS A 24 -9.07 23.40 -9.24
N GLY A 25 -9.19 24.63 -9.76
CA GLY A 25 -8.96 25.84 -8.96
C GLY A 25 -7.53 25.93 -8.48
N THR A 26 -7.32 26.19 -7.19
CA THR A 26 -5.97 26.30 -6.57
C THR A 26 -5.41 24.89 -6.32
N THR A 27 -6.21 23.84 -6.44
CA THR A 27 -5.78 22.46 -6.02
C THR A 27 -5.15 21.71 -7.20
N THR A 28 -3.89 21.30 -7.02
CA THR A 28 -3.18 20.43 -7.98
C THR A 28 -2.86 19.09 -7.27
N LEU A 29 -3.17 18.02 -7.95
CA LEU A 29 -2.74 16.67 -7.47
C LEU A 29 -2.51 15.80 -8.69
N ASN A 30 -2.36 14.51 -8.48
CA ASN A 30 -1.97 13.58 -9.55
C ASN A 30 -3.19 12.82 -10.02
N GLY A 31 -3.15 12.37 -11.26
CA GLY A 31 -4.17 11.46 -11.82
C GLY A 31 -3.52 10.27 -12.50
N LEU A 32 -4.31 9.26 -12.75
CA LEU A 32 -3.88 8.00 -13.38
C LEU A 32 -4.63 7.91 -14.70
N TRP A 33 -3.88 7.98 -15.78
CA TRP A 33 -4.39 8.03 -17.18
C TRP A 33 -4.30 6.63 -17.78
N LEU A 34 -5.43 5.91 -17.84
CA LEU A 34 -5.53 4.58 -18.48
C LEU A 34 -6.56 4.64 -19.60
N ASP A 35 -6.23 4.16 -20.80
CA ASP A 35 -7.15 4.32 -21.96
C ASP A 35 -7.57 5.78 -22.00
N ASP A 36 -8.87 6.09 -22.17
CA ASP A 36 -9.27 7.51 -22.29
C ASP A 36 -9.89 8.03 -20.98
N VAL A 37 -9.42 7.56 -19.82
CA VAL A 37 -9.98 8.00 -18.50
C VAL A 37 -8.83 8.42 -17.60
N VAL A 38 -9.02 9.52 -16.90
CA VAL A 38 -8.10 9.92 -15.83
C VAL A 38 -8.83 9.76 -14.49
N TYR A 39 -8.22 8.99 -13.61
CA TYR A 39 -8.77 8.69 -12.26
C TYR A 39 -8.04 9.57 -11.26
N CYS A 40 -8.75 10.21 -10.34
CA CYS A 40 -8.09 11.01 -9.31
C CYS A 40 -9.02 11.12 -8.10
N PRO A 41 -8.53 11.52 -6.94
CA PRO A 41 -9.39 11.70 -5.74
C PRO A 41 -10.47 12.75 -5.96
N ARG A 42 -11.69 12.47 -5.54
CA ARG A 42 -12.79 13.43 -5.84
C ARG A 42 -12.56 14.70 -5.01
N HIS A 43 -11.75 14.70 -3.94
CA HIS A 43 -11.60 15.92 -3.08
C HIS A 43 -10.93 17.05 -3.88
N VAL A 44 -10.42 16.76 -5.06
CA VAL A 44 -9.85 17.83 -5.92
C VAL A 44 -10.92 18.91 -6.12
N ILE A 45 -12.22 18.58 -6.01
CA ILE A 45 -13.26 19.60 -6.35
C ILE A 45 -13.64 20.43 -5.13
N CYS A 46 -13.05 20.18 -3.97
CA CYS A 46 -13.38 20.93 -2.73
C CYS A 46 -12.63 22.28 -2.71
N THR A 47 -13.20 23.26 -2.03
CA THR A 47 -12.53 24.54 -1.67
C THR A 47 -12.27 24.51 -0.18
N SER A 48 -11.39 25.38 0.34
CA SER A 48 -11.01 25.39 1.78
C SER A 48 -12.24 25.59 2.67
N GLU A 49 -13.29 26.28 2.18
CA GLU A 49 -14.52 26.56 2.96
C GLU A 49 -15.31 25.26 3.17
N ASP A 50 -15.22 24.28 2.26
CA ASP A 50 -16.17 23.13 2.25
C ASP A 50 -15.44 21.81 2.55
N MET A 51 -14.38 21.78 3.39
CA MET A 51 -13.63 20.48 3.53
C MET A 51 -14.08 19.67 4.77
N LEU A 52 -14.88 20.21 5.68
CA LEU A 52 -15.33 19.45 6.89
C LEU A 52 -16.37 18.41 6.49
N ASN A 53 -17.31 18.78 5.62
CA ASN A 53 -18.41 17.85 5.20
C ASN A 53 -18.91 18.29 3.83
N PRO A 54 -18.07 18.07 2.81
CA PRO A 54 -18.43 18.40 1.43
C PRO A 54 -19.65 17.57 1.00
N ASN A 55 -20.61 18.21 0.33
CA ASN A 55 -21.68 17.50 -0.42
C ASN A 55 -21.15 17.27 -1.82
N TYR A 56 -20.48 16.14 -2.04
CA TYR A 56 -19.76 15.97 -3.32
C TYR A 56 -20.73 15.98 -4.49
N GLU A 57 -21.94 15.47 -4.30
CA GLU A 57 -22.93 15.46 -5.43
C GLU A 57 -23.18 16.91 -5.91
N ASP A 58 -23.43 17.81 -4.97
CA ASP A 58 -23.70 19.23 -5.28
C ASP A 58 -22.46 19.87 -5.87
N LEU A 59 -21.28 19.59 -5.30
CA LEU A 59 -20.06 20.25 -5.78
C LEU A 59 -19.78 19.82 -7.22
N LEU A 60 -20.00 18.55 -7.55
CA LEU A 60 -19.64 18.04 -8.88
C LEU A 60 -20.61 18.63 -9.90
N ILE A 61 -21.89 18.79 -9.52
CA ILE A 61 -22.88 19.41 -10.43
C ILE A 61 -22.44 20.82 -10.80
N ARG A 62 -21.80 21.55 -9.90
CA ARG A 62 -21.33 22.94 -10.11
C ARG A 62 -20.16 22.92 -11.10
N LYS A 63 -19.45 21.82 -11.26
CA LYS A 63 -18.24 21.81 -12.09
C LYS A 63 -18.59 21.50 -13.54
N SER A 64 -17.77 22.04 -14.44
CA SER A 64 -17.82 21.83 -15.89
C SER A 64 -16.54 21.11 -16.32
N ASN A 65 -16.52 20.48 -17.48
CA ASN A 65 -15.25 19.88 -17.99
C ASN A 65 -14.15 20.93 -17.99
N HIS A 66 -14.48 22.18 -18.33
CA HIS A 66 -13.47 23.28 -18.40
C HIS A 66 -12.85 23.60 -17.06
N ASN A 67 -13.40 23.14 -15.92
CA ASN A 67 -12.85 23.44 -14.57
C ASN A 67 -11.71 22.46 -14.21
N PHE A 68 -11.42 21.49 -15.08
CA PHE A 68 -10.34 20.48 -14.87
C PHE A 68 -9.21 20.71 -15.88
N LEU A 69 -8.01 21.04 -15.42
CA LEU A 69 -6.81 21.22 -16.29
C LEU A 69 -5.99 19.95 -16.08
N VAL A 70 -5.91 19.11 -17.10
CA VAL A 70 -5.13 17.84 -17.07
C VAL A 70 -3.93 17.99 -18.01
N GLN A 71 -2.73 17.80 -17.47
CA GLN A 71 -1.41 17.96 -18.15
C GLN A 71 -0.68 16.62 -18.05
N ALA A 72 -0.28 16.08 -19.19
CA ALA A 72 0.53 14.85 -19.35
C ALA A 72 1.89 15.28 -19.90
N GLY A 73 2.83 15.59 -19.01
CA GLY A 73 4.06 16.35 -19.32
C GLY A 73 3.71 17.67 -19.96
N ASN A 74 4.03 17.83 -21.25
CA ASN A 74 3.75 19.06 -22.03
C ASN A 74 2.28 19.06 -22.45
N VAL A 75 1.81 17.97 -23.07
CA VAL A 75 0.42 17.83 -23.62
C VAL A 75 -0.61 18.29 -22.56
N GLN A 76 -1.39 19.34 -22.85
CA GLN A 76 -2.71 19.58 -22.19
C GLN A 76 -3.67 18.55 -22.80
N LEU A 77 -4.48 17.90 -21.96
CA LEU A 77 -5.23 16.68 -22.31
C LEU A 77 -6.72 16.98 -22.02
N ARG A 78 -7.52 17.20 -23.08
CA ARG A 78 -8.89 17.80 -23.00
C ARG A 78 -9.87 16.84 -22.32
N VAL A 79 -10.52 17.33 -21.26
CA VAL A 79 -11.56 16.60 -20.52
C VAL A 79 -12.88 16.79 -21.29
N ILE A 80 -13.54 15.68 -21.60
CA ILE A 80 -14.80 15.68 -22.39
C ILE A 80 -15.95 15.12 -21.54
N GLY A 81 -15.70 14.75 -20.28
CA GLY A 81 -16.78 14.24 -19.41
C GLY A 81 -16.23 14.03 -18.02
N HIS A 82 -17.09 14.09 -17.00
CA HIS A 82 -16.66 13.95 -15.58
C HIS A 82 -17.76 13.15 -14.89
N SER A 83 -17.35 12.18 -14.10
CA SER A 83 -18.29 11.42 -13.25
C SER A 83 -17.53 11.01 -11.99
N MET A 84 -18.29 10.61 -10.99
CA MET A 84 -17.79 10.15 -9.69
C MET A 84 -18.16 8.69 -9.52
N GLN A 85 -17.19 7.86 -9.10
CA GLN A 85 -17.41 6.46 -8.68
C GLN A 85 -16.95 6.38 -7.23
N ASN A 86 -17.85 6.26 -6.27
CA ASN A 86 -17.47 6.32 -4.84
C ASN A 86 -16.62 7.57 -4.64
N CYS A 87 -15.42 7.44 -4.12
CA CYS A 87 -14.59 8.61 -3.81
C CYS A 87 -13.57 8.92 -4.90
N VAL A 88 -13.67 8.32 -6.09
N VAL A 88 -13.75 8.41 -6.12
CA VAL A 88 -12.83 8.70 -7.25
CA VAL A 88 -12.80 8.68 -7.23
C VAL A 88 -13.62 9.50 -8.28
C VAL A 88 -13.52 9.36 -8.39
N LEU A 89 -12.91 10.44 -8.87
CA LEU A 89 -13.37 11.22 -10.03
C LEU A 89 -12.79 10.49 -11.24
N LYS A 90 -13.62 10.27 -12.25
CA LYS A 90 -13.23 9.75 -13.57
C LYS A 90 -13.39 10.89 -14.55
N LEU A 91 -12.28 11.37 -15.09
CA LEU A 91 -12.28 12.42 -16.14
C LEU A 91 -12.10 11.73 -17.49
N LYS A 92 -13.13 11.75 -18.32
CA LYS A 92 -13.07 11.20 -19.69
C LYS A 92 -12.26 12.22 -20.49
N VAL A 93 -11.23 11.74 -21.19
CA VAL A 93 -10.36 12.62 -22.00
C VAL A 93 -10.47 12.24 -23.49
N ASP A 94 -10.04 13.16 -24.34
CA ASP A 94 -10.23 13.04 -25.81
C ASP A 94 -9.18 12.11 -26.40
N THR A 95 -8.15 11.71 -25.64
CA THR A 95 -7.02 10.89 -26.16
C THR A 95 -6.83 9.65 -25.28
N ALA A 96 -6.76 8.45 -25.85
CA ALA A 96 -6.39 7.25 -25.08
C ALA A 96 -4.87 7.30 -24.85
N ASN A 97 -4.44 6.98 -23.64
CA ASN A 97 -2.99 6.97 -23.30
C ASN A 97 -2.30 5.92 -24.16
N PRO A 98 -1.38 6.32 -25.07
CA PRO A 98 -0.67 5.35 -25.88
C PRO A 98 0.26 4.47 -25.03
N LYS A 99 0.60 4.90 -23.80
CA LYS A 99 1.47 4.13 -22.88
C LYS A 99 0.63 3.33 -21.88
N THR A 100 -0.68 3.15 -22.12
CA THR A 100 -1.53 2.33 -21.21
C THR A 100 -0.99 0.91 -21.12
N PRO A 101 -0.62 0.38 -19.92
CA PRO A 101 -0.12 -0.98 -19.83
C PRO A 101 -1.31 -1.92 -19.73
N LYS A 102 -1.04 -3.22 -19.81
CA LYS A 102 -1.97 -4.25 -19.34
C LYS A 102 -2.21 -3.99 -17.85
N TYR A 103 -3.45 -3.92 -17.42
CA TYR A 103 -3.76 -3.62 -15.99
C TYR A 103 -5.05 -4.27 -15.49
N LYS A 104 -5.15 -4.32 -14.18
CA LYS A 104 -6.35 -4.73 -13.43
C LYS A 104 -6.49 -3.76 -12.26
N PHE A 105 -7.70 -3.64 -11.75
CA PHE A 105 -7.95 -2.99 -10.47
C PHE A 105 -8.24 -4.08 -9.45
N VAL A 106 -7.49 -4.10 -8.33
CA VAL A 106 -7.65 -5.13 -7.28
C VAL A 106 -7.81 -4.45 -5.93
N ARG A 107 -8.57 -5.06 -5.05
CA ARG A 107 -8.74 -4.59 -3.67
C ARG A 107 -7.92 -5.53 -2.81
N ILE A 108 -6.85 -5.04 -2.22
CA ILE A 108 -5.96 -5.93 -1.45
C ILE A 108 -6.49 -6.16 -0.04
N GLN A 109 -5.91 -7.17 0.58
CA GLN A 109 -6.21 -7.53 1.96
C GLN A 109 -5.25 -6.82 2.89
N PRO A 110 -5.64 -6.57 4.15
CA PRO A 110 -4.74 -6.07 5.18
C PRO A 110 -3.60 -7.08 5.33
N GLY A 111 -2.37 -6.60 5.46
CA GLY A 111 -1.19 -7.48 5.60
C GLY A 111 -0.45 -7.66 4.30
N GLN A 112 -1.07 -7.34 3.14
CA GLN A 112 -0.41 -7.52 1.85
CA GLN A 112 -0.46 -7.49 1.81
C GLN A 112 0.41 -6.26 1.55
N THR A 113 1.38 -6.40 0.69
CA THR A 113 2.34 -5.34 0.33
C THR A 113 2.08 -4.86 -1.09
N PHE A 114 2.62 -3.67 -1.36
CA PHE A 114 2.54 -3.11 -2.70
C PHE A 114 3.56 -2.00 -2.82
N SER A 115 3.85 -1.62 -4.04
CA SER A 115 4.79 -0.50 -4.28
C SER A 115 3.99 0.78 -4.47
N VAL A 116 4.55 1.89 -3.99
CA VAL A 116 3.94 3.23 -4.19
C VAL A 116 4.85 3.99 -5.10
N LEU A 117 4.29 4.59 -6.15
CA LEU A 117 5.03 5.57 -6.96
C LEU A 117 4.63 6.96 -6.50
N ALA A 118 5.47 7.59 -5.72
CA ALA A 118 5.09 8.88 -5.11
C ALA A 118 5.30 9.92 -6.21
N CYS A 119 4.28 10.72 -6.44
CA CYS A 119 4.24 11.74 -7.51
C CYS A 119 3.86 13.11 -6.95
N TYR A 120 4.34 14.17 -7.62
CA TYR A 120 3.96 15.58 -7.35
C TYR A 120 3.83 16.27 -8.71
N ASN A 121 2.75 17.04 -8.91
CA ASN A 121 2.54 17.79 -10.18
C ASN A 121 2.56 16.82 -11.37
N GLY A 122 2.07 15.58 -11.18
CA GLY A 122 2.00 14.60 -12.26
C GLY A 122 3.33 13.95 -12.59
N SER A 123 4.38 14.28 -11.82
CA SER A 123 5.75 13.81 -12.09
C SER A 123 6.22 12.84 -11.00
N PRO A 124 6.77 11.68 -11.37
CA PRO A 124 7.26 10.72 -10.37
C PRO A 124 8.45 11.25 -9.57
N SER A 125 8.46 11.06 -8.25
N SER A 125 8.39 11.10 -8.26
CA SER A 125 9.57 11.47 -7.34
CA SER A 125 9.49 11.44 -7.32
C SER A 125 10.31 10.25 -6.77
C SER A 125 10.30 10.15 -7.11
N GLY A 126 9.64 9.11 -6.64
CA GLY A 126 10.33 7.92 -6.12
C GLY A 126 9.37 6.79 -5.86
N VAL A 127 9.92 5.62 -5.62
CA VAL A 127 9.13 4.37 -5.50
C VAL A 127 9.59 3.66 -4.24
N TYR A 128 8.63 3.15 -3.48
CA TYR A 128 8.95 2.39 -2.26
C TYR A 128 7.89 1.33 -2.01
N GLN A 129 8.29 0.32 -1.26
CA GLN A 129 7.40 -0.82 -0.91
C GLN A 129 6.78 -0.54 0.46
N CYS A 130 5.52 -0.90 0.66
CA CYS A 130 4.95 -0.81 2.01
C CYS A 130 3.83 -1.80 2.14
N ALA A 131 3.30 -1.92 3.36
CA ALA A 131 2.23 -2.88 3.69
C ALA A 131 0.96 -2.10 3.97
N MET A 132 -0.15 -2.67 3.57
CA MET A 132 -1.48 -2.33 4.12
C MET A 132 -1.54 -2.84 5.57
N ARG A 133 -1.58 -1.94 6.52
CA ARG A 133 -1.59 -2.30 7.96
C ARG A 133 -2.89 -3.02 8.23
N PRO A 134 -2.90 -3.87 9.28
CA PRO A 134 -4.16 -4.50 9.69
C PRO A 134 -5.31 -3.54 9.99
N ASN A 135 -5.03 -2.29 10.35
CA ASN A 135 -6.10 -1.28 10.58
C ASN A 135 -6.35 -0.43 9.31
N PHE A 136 -5.86 -0.86 8.15
CA PHE A 136 -6.22 -0.34 6.80
C PHE A 136 -5.65 1.05 6.59
N THR A 137 -4.62 1.36 7.31
CA THR A 137 -3.81 2.56 7.04
C THR A 137 -2.52 2.14 6.37
N ILE A 138 -1.81 3.11 5.84
CA ILE A 138 -0.45 2.82 5.32
C ILE A 138 0.50 3.84 5.95
N LYS A 139 1.70 3.40 6.27
CA LYS A 139 2.78 4.25 6.83
C LYS A 139 3.59 4.75 5.66
N GLY A 140 3.07 5.77 5.00
CA GLY A 140 3.64 6.29 3.77
C GLY A 140 4.62 7.40 4.02
N SER A 141 5.17 7.86 2.92
CA SER A 141 5.96 9.10 2.77
C SER A 141 5.26 9.93 1.71
N PHE A 142 4.35 10.78 2.17
CA PHE A 142 3.47 11.60 1.30
C PHE A 142 3.45 13.03 1.84
N LEU A 143 3.71 13.99 0.94
CA LEU A 143 3.64 15.44 1.24
C LEU A 143 2.41 16.04 0.57
N ASN A 144 2.20 17.33 0.82
CA ASN A 144 1.25 18.17 0.05
C ASN A 144 1.48 17.92 -1.44
N GLY A 145 0.40 17.62 -2.17
CA GLY A 145 0.42 17.43 -3.62
C GLY A 145 0.57 15.97 -4.05
N SER A 146 0.68 15.05 -3.09
CA SER A 146 0.95 13.62 -3.39
C SER A 146 -0.34 12.87 -3.68
N CYS A 147 -1.49 13.45 -3.39
CA CYS A 147 -2.77 12.76 -3.65
C CYS A 147 -2.86 12.30 -5.11
N GLY A 148 -3.50 11.17 -5.36
CA GLY A 148 -3.58 10.56 -6.68
C GLY A 148 -2.38 9.69 -7.02
N SER A 149 -1.31 9.72 -6.21
CA SER A 149 -0.23 8.72 -6.32
C SER A 149 -0.86 7.34 -6.06
N VAL A 150 -0.37 6.29 -6.74
CA VAL A 150 -1.00 4.96 -6.62
C VAL A 150 -0.03 3.91 -6.12
N GLY A 151 -0.64 2.88 -5.55
CA GLY A 151 0.06 1.65 -5.19
C GLY A 151 -0.32 0.55 -6.13
N PHE A 152 0.61 -0.38 -6.33
CA PHE A 152 0.44 -1.40 -7.38
C PHE A 152 1.34 -2.59 -7.06
N ASN A 153 0.95 -3.70 -7.65
CA ASN A 153 1.80 -4.91 -7.78
C ASN A 153 1.96 -5.21 -9.27
N ILE A 154 2.99 -5.97 -9.65
CA ILE A 154 3.06 -6.53 -11.02
C ILE A 154 3.04 -8.07 -10.90
N ASP A 155 2.19 -8.78 -11.65
CA ASP A 155 2.31 -10.26 -11.79
C ASP A 155 2.36 -10.55 -13.28
N TYR A 156 3.51 -11.08 -13.72
CA TYR A 156 3.87 -11.40 -15.12
C TYR A 156 3.98 -10.05 -15.84
N ASP A 157 3.02 -9.72 -16.69
CA ASP A 157 3.05 -8.54 -17.61
C ASP A 157 1.97 -7.52 -17.21
N CYS A 158 1.25 -7.78 -16.11
CA CYS A 158 0.01 -7.06 -15.76
C CYS A 158 0.21 -6.19 -14.51
N VAL A 159 -0.12 -4.91 -14.58
CA VAL A 159 -0.07 -4.01 -13.38
C VAL A 159 -1.41 -4.17 -12.67
N SER A 160 -1.38 -4.57 -11.41
CA SER A 160 -2.57 -4.62 -10.54
C SER A 160 -2.55 -3.37 -9.67
N PHE A 161 -3.40 -2.40 -9.99
CA PHE A 161 -3.48 -1.17 -9.16
C PHE A 161 -4.33 -1.48 -7.93
N CYS A 162 -3.86 -1.15 -6.73
CA CYS A 162 -4.60 -1.48 -5.50
C CYS A 162 -4.89 -0.27 -4.60
N TYR A 163 -4.26 0.88 -4.85
CA TYR A 163 -4.33 1.98 -3.86
C TYR A 163 -4.21 3.30 -4.61
N MET A 164 -5.00 4.27 -4.17
N MET A 164 -5.03 4.27 -4.22
CA MET A 164 -4.88 5.67 -4.64
CA MET A 164 -4.80 5.67 -4.66
C MET A 164 -4.86 6.52 -3.37
C MET A 164 -4.85 6.51 -3.39
N HIS A 165 -3.87 7.41 -3.27
CA HIS A 165 -3.67 8.21 -2.05
C HIS A 165 -4.65 9.37 -1.91
N HIS A 166 -5.29 9.50 -0.73
CA HIS A 166 -6.24 10.62 -0.45
C HIS A 166 -5.83 11.52 0.71
N MET A 167 -5.34 10.99 1.84
CA MET A 167 -5.25 11.86 3.05
C MET A 167 -4.30 11.33 4.10
N GLU A 168 -3.91 12.24 4.99
CA GLU A 168 -3.12 11.94 6.17
C GLU A 168 -4.01 12.07 7.40
N LEU A 169 -4.00 11.06 8.24
CA LEU A 169 -4.76 10.95 9.53
C LEU A 169 -4.00 11.63 10.66
N PRO A 170 -4.67 11.89 11.79
CA PRO A 170 -4.06 12.67 12.85
C PRO A 170 -2.73 12.09 13.32
N THR A 171 -2.59 10.77 13.35
CA THR A 171 -1.39 10.04 13.82
C THR A 171 -0.26 10.13 12.79
N GLY A 172 -0.48 10.73 11.61
CA GLY A 172 0.57 10.91 10.59
C GLY A 172 0.66 9.72 9.64
N VAL A 173 -0.21 8.74 9.80
CA VAL A 173 -0.35 7.64 8.82
C VAL A 173 -1.34 8.09 7.74
N HIS A 174 -1.52 7.24 6.73
CA HIS A 174 -2.17 7.59 5.45
C HIS A 174 -3.36 6.68 5.17
N ALA A 175 -4.30 7.25 4.46
CA ALA A 175 -5.54 6.56 4.05
C ALA A 175 -5.83 6.88 2.60
N GLY A 176 -6.48 5.93 1.96
CA GLY A 176 -6.89 6.07 0.59
C GLY A 176 -7.82 4.96 0.16
N THR A 177 -7.99 4.87 -1.14
CA THR A 177 -9.05 4.02 -1.72
C THR A 177 -8.45 2.97 -2.64
N ASP A 178 -9.26 2.00 -2.99
CA ASP A 178 -8.99 1.18 -4.19
C ASP A 178 -9.26 2.06 -5.45
N LEU A 179 -9.09 1.52 -6.64
CA LEU A 179 -9.24 2.32 -7.89
C LEU A 179 -10.72 2.38 -8.30
N GLU A 180 -11.61 1.71 -7.57
CA GLU A 180 -13.07 1.92 -7.70
C GLU A 180 -13.52 2.98 -6.70
N GLY A 181 -12.61 3.63 -5.97
CA GLY A 181 -12.98 4.76 -5.10
C GLY A 181 -13.50 4.33 -3.74
N ASN A 182 -13.35 3.08 -3.33
CA ASN A 182 -13.80 2.62 -2.01
C ASN A 182 -12.65 2.74 -1.02
N PHE A 183 -12.85 3.50 0.04
CA PHE A 183 -11.80 3.60 1.08
C PHE A 183 -11.43 2.22 1.60
N TYR A 184 -10.17 2.02 1.89
CA TYR A 184 -9.70 1.00 2.84
C TYR A 184 -9.95 1.50 4.25
N GLY A 185 -10.62 0.70 5.06
CA GLY A 185 -10.87 1.05 6.46
C GLY A 185 -12.08 1.92 6.61
N PRO A 186 -12.30 2.43 7.82
CA PRO A 186 -13.52 3.18 8.13
C PRO A 186 -13.55 4.64 7.67
N PHE A 187 -12.53 5.05 6.96
CA PHE A 187 -12.27 6.47 6.64
C PHE A 187 -13.24 7.01 5.57
N VAL A 188 -13.46 8.32 5.68
CA VAL A 188 -14.27 9.11 4.72
C VAL A 188 -13.47 10.34 4.27
N ASP A 189 -13.76 10.84 3.07
CA ASP A 189 -13.08 12.04 2.53
C ASP A 189 -13.77 13.27 3.07
N ARG A 190 -13.62 13.46 4.37
CA ARG A 190 -13.99 14.66 5.14
C ARG A 190 -12.75 15.02 5.94
N GLN A 191 -12.34 16.29 5.93
CA GLN A 191 -11.08 16.70 6.60
C GLN A 191 -11.44 16.90 8.05
N THR A 192 -11.74 15.77 8.73
N THR A 192 -11.58 15.78 8.75
CA THR A 192 -12.22 15.63 10.13
CA THR A 192 -12.06 15.70 10.14
C THR A 192 -11.27 14.68 10.89
C THR A 192 -11.21 14.69 10.90
N ALA A 193 -11.20 14.79 12.22
CA ALA A 193 -10.54 13.82 13.12
C ALA A 193 -11.23 12.47 12.91
N GLN A 194 -10.46 11.45 12.54
CA GLN A 194 -10.98 10.09 12.31
C GLN A 194 -10.08 9.07 12.98
N ALA A 195 -10.66 8.24 13.85
CA ALA A 195 -9.96 7.16 14.56
C ALA A 195 -9.57 6.06 13.57
N ALA A 196 -8.30 5.64 13.59
CA ALA A 196 -7.87 4.35 13.00
C ALA A 196 -8.02 3.27 14.06
N GLY A 197 -8.22 2.03 13.67
CA GLY A 197 -8.29 1.02 14.73
C GLY A 197 -6.99 0.97 15.53
N THR A 198 -6.97 0.17 16.58
CA THR A 198 -5.70 -0.35 17.11
C THR A 198 -4.96 -1.07 15.98
N ASP A 199 -3.70 -0.79 15.82
CA ASP A 199 -2.95 -1.57 14.81
C ASP A 199 -2.26 -2.75 15.49
N THR A 200 -2.04 -3.78 14.74
CA THR A 200 -1.32 -4.99 15.18
C THR A 200 -0.16 -5.21 14.24
N THR A 201 0.80 -6.00 14.68
CA THR A 201 1.92 -6.50 13.84
C THR A 201 1.46 -7.71 13.04
N ILE A 202 1.93 -7.78 11.80
CA ILE A 202 1.50 -8.81 10.84
C ILE A 202 2.38 -10.03 11.07
N THR A 203 1.91 -10.94 11.90
CA THR A 203 2.71 -12.08 12.40
C THR A 203 3.27 -12.88 11.24
N VAL A 204 2.43 -13.24 10.26
CA VAL A 204 2.88 -14.13 9.18
C VAL A 204 4.03 -13.45 8.44
N ASN A 205 4.00 -12.11 8.35
CA ASN A 205 5.11 -11.38 7.69
C ASN A 205 6.36 -11.43 8.57
N VAL A 206 6.22 -11.22 9.86
CA VAL A 206 7.42 -11.33 10.76
C VAL A 206 8.04 -12.72 10.57
N LEU A 207 7.22 -13.79 10.58
CA LEU A 207 7.79 -15.14 10.38
C LEU A 207 8.45 -15.26 9.01
N ALA A 208 7.87 -14.73 7.93
CA ALA A 208 8.54 -14.78 6.61
C ALA A 208 9.92 -14.12 6.71
N TRP A 209 10.00 -12.97 7.33
CA TRP A 209 11.25 -12.19 7.48
C TRP A 209 12.25 -12.96 8.35
N LEU A 210 11.81 -13.67 9.37
CA LEU A 210 12.75 -14.58 10.10
C LEU A 210 13.26 -15.71 9.19
N TYR A 211 12.43 -16.28 8.31
CA TYR A 211 12.87 -17.26 7.29
C TYR A 211 13.90 -16.61 6.37
N ALA A 212 13.63 -15.39 5.93
CA ALA A 212 14.63 -14.67 5.11
C ALA A 212 15.99 -14.61 5.83
N ALA A 213 15.99 -14.30 7.13
CA ALA A 213 17.21 -14.14 7.95
C ALA A 213 17.97 -15.47 7.95
N VAL A 214 17.27 -16.59 8.13
CA VAL A 214 17.89 -17.94 8.14
C VAL A 214 18.51 -18.22 6.76
N ILE A 215 17.79 -17.91 5.69
CA ILE A 215 18.25 -18.14 4.29
C ILE A 215 19.56 -17.36 4.10
N ASN A 216 19.67 -16.16 4.69
CA ASN A 216 20.83 -15.25 4.61
C ASN A 216 21.80 -15.44 5.79
N GLY A 217 21.75 -16.61 6.44
CA GLY A 217 22.75 -17.08 7.41
C GLY A 217 22.57 -16.50 8.80
N ASP A 218 21.56 -15.64 9.05
CA ASP A 218 21.34 -14.94 10.35
C ASP A 218 20.42 -15.84 11.20
N ARG A 219 20.96 -16.49 12.23
CA ARG A 219 20.42 -17.74 12.82
C ARG A 219 20.35 -17.75 14.34
N TRP A 220 20.89 -16.73 15.01
CA TRP A 220 21.14 -16.76 16.48
C TRP A 220 19.84 -17.00 17.26
N PHE A 221 18.69 -16.62 16.71
CA PHE A 221 17.39 -16.53 17.42
C PHE A 221 16.68 -17.88 17.36
N LEU A 222 17.16 -18.80 16.54
CA LEU A 222 16.57 -20.17 16.44
C LEU A 222 16.80 -20.89 17.77
N ASN A 223 15.76 -21.51 18.29
CA ASN A 223 15.84 -22.32 19.53
C ASN A 223 15.31 -23.73 19.21
N ARG A 224 15.55 -24.69 20.12
CA ARG A 224 15.20 -26.10 19.85
C ARG A 224 13.70 -26.32 20.09
N PHE A 225 12.98 -25.31 20.60
CA PHE A 225 11.58 -25.45 21.08
C PHE A 225 10.58 -25.30 19.95
N THR A 226 9.36 -25.78 20.21
CA THR A 226 8.21 -25.65 19.29
C THR A 226 7.03 -25.21 20.17
N THR A 227 5.94 -24.79 19.53
CA THR A 227 4.75 -24.27 20.20
C THR A 227 3.55 -24.81 19.42
N THR A 228 2.34 -24.42 19.79
CA THR A 228 1.13 -24.71 19.01
C THR A 228 0.50 -23.37 18.62
N LEU A 229 -0.38 -23.38 17.62
CA LEU A 229 -1.04 -22.12 17.21
C LEU A 229 -1.70 -21.57 18.46
N ASN A 230 -2.44 -22.42 19.20
CA ASN A 230 -3.15 -21.95 20.42
C ASN A 230 -2.22 -21.24 21.38
N ASP A 231 -1.11 -21.88 21.76
CA ASP A 231 -0.20 -21.32 22.77
C ASP A 231 0.51 -20.07 22.22
N PHE A 232 0.91 -20.11 20.95
CA PHE A 232 1.54 -18.92 20.35
C PHE A 232 0.53 -17.75 20.35
N ASN A 233 -0.72 -18.00 19.97
CA ASN A 233 -1.72 -16.92 19.81
C ASN A 233 -1.96 -16.27 21.17
N LEU A 234 -1.81 -17.00 22.27
CA LEU A 234 -1.92 -16.40 23.62
C LEU A 234 -0.85 -15.31 23.79
N VAL A 235 0.36 -15.56 23.30
CA VAL A 235 1.47 -14.56 23.32
C VAL A 235 1.25 -13.48 22.24
N ALA A 236 0.76 -13.85 21.05
CA ALA A 236 0.41 -12.83 20.02
C ALA A 236 -0.53 -11.79 20.63
N MET A 237 -1.63 -12.22 21.28
CA MET A 237 -2.64 -11.32 21.89
C MET A 237 -1.94 -10.34 22.85
N LYS A 238 -0.97 -10.83 23.65
CA LYS A 238 -0.30 -10.04 24.69
C LYS A 238 0.50 -8.90 24.03
N TYR A 239 1.15 -9.15 22.90
CA TYR A 239 2.04 -8.16 22.22
C TYR A 239 1.38 -7.51 20.98
N ASN A 240 0.06 -7.60 20.83
CA ASN A 240 -0.68 -6.96 19.70
C ASN A 240 -0.09 -7.46 18.39
N TYR A 241 0.07 -8.76 18.27
CA TYR A 241 0.38 -9.47 17.02
C TYR A 241 -0.90 -10.13 16.50
N GLU A 242 -1.11 -10.09 15.19
CA GLU A 242 -2.29 -10.77 14.61
C GLU A 242 -2.25 -12.25 14.99
N PRO A 243 -3.39 -12.94 15.20
CA PRO A 243 -3.33 -14.38 15.39
C PRO A 243 -2.89 -15.14 14.13
N LEU A 244 -2.17 -16.24 14.32
CA LEU A 244 -1.66 -17.10 13.24
C LEU A 244 -2.61 -18.28 12.99
N THR A 245 -2.91 -18.53 11.71
CA THR A 245 -3.92 -19.51 11.27
C THR A 245 -3.20 -20.64 10.53
N GLN A 246 -3.87 -21.78 10.30
CA GLN A 246 -3.27 -22.86 9.50
C GLN A 246 -3.03 -22.37 8.07
N ASP A 247 -3.84 -21.43 7.57
CA ASP A 247 -3.59 -20.88 6.20
C ASP A 247 -2.20 -20.20 6.21
N HIS A 248 -1.91 -19.44 7.27
CA HIS A 248 -0.59 -18.78 7.42
C HIS A 248 0.53 -19.82 7.42
N VAL A 249 0.38 -20.93 8.17
CA VAL A 249 1.39 -22.01 8.17
C VAL A 249 1.58 -22.54 6.77
N ASP A 250 0.47 -22.80 6.07
CA ASP A 250 0.54 -23.33 4.70
C ASP A 250 1.24 -22.36 3.74
N ILE A 251 0.95 -21.07 3.83
CA ILE A 251 1.60 -20.04 2.96
C ILE A 251 3.11 -20.00 3.22
N LEU A 252 3.55 -20.31 4.45
CA LEU A 252 4.97 -20.31 4.85
C LEU A 252 5.66 -21.62 4.46
N GLY A 253 4.93 -22.55 3.83
CA GLY A 253 5.43 -23.89 3.48
C GLY A 253 6.71 -23.92 2.66
N PRO A 254 6.82 -23.18 1.53
CA PRO A 254 8.09 -23.08 0.79
C PRO A 254 9.28 -22.64 1.63
N LEU A 255 9.09 -21.65 2.53
CA LEU A 255 10.17 -21.12 3.37
C LEU A 255 10.48 -22.16 4.44
N SER A 256 9.45 -22.82 4.97
CA SER A 256 9.66 -23.89 5.95
C SER A 256 10.45 -25.04 5.30
N ALA A 257 10.04 -25.50 4.11
CA ALA A 257 10.72 -26.59 3.39
C ALA A 257 12.15 -26.17 3.07
N GLN A 258 12.36 -24.98 2.50
CA GLN A 258 13.70 -24.50 2.03
C GLN A 258 14.69 -24.60 3.19
N THR A 259 14.28 -24.23 4.40
CA THR A 259 15.20 -24.02 5.54
C THR A 259 15.25 -25.25 6.45
N GLY A 260 14.28 -26.15 6.29
CA GLY A 260 14.04 -27.32 7.16
C GLY A 260 13.56 -26.94 8.56
N ILE A 261 13.03 -25.74 8.76
CA ILE A 261 12.53 -25.25 10.08
C ILE A 261 11.00 -25.18 10.03
N ALA A 262 10.31 -26.01 10.80
CA ALA A 262 8.83 -26.04 10.85
C ALA A 262 8.30 -24.69 11.29
N VAL A 263 7.12 -24.32 10.83
CA VAL A 263 6.51 -23.01 11.23
C VAL A 263 6.35 -22.95 12.74
N LEU A 264 5.86 -24.00 13.41
CA LEU A 264 5.66 -23.93 14.87
C LEU A 264 7.01 -23.92 15.61
N ASP A 265 8.10 -24.33 14.98
CA ASP A 265 9.46 -24.15 15.54
C ASP A 265 9.86 -22.67 15.42
N MET A 266 9.64 -22.06 14.26
CA MET A 266 9.92 -20.61 14.12
C MET A 266 9.04 -19.77 15.06
N CYS A 267 7.78 -20.14 15.25
CA CYS A 267 6.85 -19.49 16.22
C CYS A 267 7.45 -19.46 17.63
N ALA A 268 8.12 -20.55 18.08
CA ALA A 268 8.76 -20.61 19.40
C ALA A 268 9.93 -19.61 19.46
N SER A 269 10.70 -19.49 18.37
CA SER A 269 11.77 -18.47 18.25
C SER A 269 11.16 -17.07 18.36
N LEU A 270 10.06 -16.78 17.66
CA LEU A 270 9.39 -15.47 17.72
C LEU A 270 8.88 -15.21 19.13
N LYS A 271 8.24 -16.19 19.76
CA LYS A 271 7.82 -16.12 21.18
C LYS A 271 8.99 -15.61 22.04
N GLU A 272 10.18 -16.18 21.90
CA GLU A 272 11.33 -15.85 22.78
C GLU A 272 11.78 -14.41 22.46
N LEU A 273 11.77 -14.02 21.17
CA LEU A 273 12.10 -12.62 20.77
C LEU A 273 11.11 -11.65 21.40
N LEU A 274 9.82 -11.97 21.41
CA LEU A 274 8.82 -11.02 21.97
C LEU A 274 9.04 -10.89 23.49
N GLN A 275 9.29 -12.03 24.14
CA GLN A 275 9.39 -12.11 25.62
C GLN A 275 10.72 -11.52 26.12
N ASN A 276 11.82 -11.73 25.40
CA ASN A 276 13.20 -11.45 25.89
C ASN A 276 13.85 -10.29 25.13
N GLY A 277 13.25 -9.81 24.04
CA GLY A 277 13.88 -8.86 23.11
C GLY A 277 15.09 -9.48 22.43
N MET A 278 15.93 -8.63 21.83
CA MET A 278 17.03 -9.04 20.93
C MET A 278 18.38 -8.89 21.65
N ASN A 279 18.39 -8.49 22.93
CA ASN A 279 19.61 -8.54 23.78
C ASN A 279 20.74 -7.74 23.11
N GLY A 280 20.39 -6.66 22.40
CA GLY A 280 21.35 -5.80 21.68
C GLY A 280 21.90 -6.41 20.40
N ARG A 281 21.31 -7.51 19.89
CA ARG A 281 21.67 -8.13 18.59
C ARG A 281 20.75 -7.56 17.49
N THR A 282 21.06 -7.91 16.24
CA THR A 282 20.33 -7.45 15.04
C THR A 282 19.98 -8.69 14.19
N ILE A 283 18.87 -8.62 13.44
CA ILE A 283 18.50 -9.63 12.41
C ILE A 283 18.41 -8.90 11.06
N LEU A 284 19.10 -9.40 10.03
CA LEU A 284 19.13 -8.77 8.69
C LEU A 284 19.34 -7.25 8.87
N GLY A 285 20.26 -6.88 9.75
CA GLY A 285 20.68 -5.48 9.98
C GLY A 285 19.57 -4.61 10.51
N SER A 286 18.65 -5.17 11.30
CA SER A 286 17.54 -4.44 11.95
C SER A 286 17.50 -4.82 13.44
N ALA A 287 17.15 -3.88 14.30
CA ALA A 287 17.02 -4.10 15.76
C ALA A 287 15.55 -4.20 16.18
N LEU A 288 14.63 -4.18 15.21
CA LEU A 288 13.18 -4.40 15.44
C LEU A 288 12.76 -5.57 14.54
N LEU A 289 11.68 -6.24 14.91
CA LEU A 289 11.02 -7.26 14.07
C LEU A 289 10.23 -6.58 12.95
N GLU A 290 10.55 -6.95 11.71
N GLU A 290 10.59 -6.93 11.72
CA GLU A 290 10.05 -6.29 10.48
CA GLU A 290 10.09 -6.36 10.45
C GLU A 290 8.88 -7.09 9.91
C GLU A 290 8.82 -7.10 10.07
N ASP A 291 7.79 -6.41 9.60
CA ASP A 291 6.50 -7.06 9.24
C ASP A 291 6.04 -6.60 7.86
N GLU A 292 6.87 -5.94 7.05
CA GLU A 292 6.41 -5.50 5.70
C GLU A 292 6.92 -6.37 4.55
N PHE A 293 7.27 -7.60 4.84
CA PHE A 293 7.62 -8.61 3.82
C PHE A 293 6.61 -9.75 3.94
N THR A 294 5.84 -9.98 2.90
CA THR A 294 4.91 -11.17 2.84
C THR A 294 5.78 -12.40 2.59
N PRO A 295 5.24 -13.61 2.87
CA PRO A 295 5.92 -14.84 2.47
C PRO A 295 6.26 -14.83 0.99
N PHE A 296 5.32 -14.35 0.16
N PHE A 296 5.32 -14.41 0.12
CA PHE A 296 5.43 -14.26 -1.30
CA PHE A 296 5.55 -14.28 -1.33
C PHE A 296 6.55 -13.27 -1.68
C PHE A 296 6.74 -13.36 -1.55
N ASP A 297 6.71 -12.17 -0.97
CA ASP A 297 7.81 -11.18 -1.17
C ASP A 297 9.16 -11.84 -0.87
N VAL A 298 9.25 -12.60 0.20
CA VAL A 298 10.53 -13.30 0.54
C VAL A 298 10.84 -14.36 -0.53
N VAL A 299 9.85 -15.16 -0.92
CA VAL A 299 10.06 -16.22 -1.94
C VAL A 299 10.55 -15.53 -3.22
N ARG A 300 9.88 -14.47 -3.67
CA ARG A 300 10.23 -13.70 -4.89
C ARG A 300 11.70 -13.28 -4.80
N GLN A 301 12.09 -12.59 -3.73
CA GLN A 301 13.43 -11.94 -3.58
C GLN A 301 14.51 -13.03 -3.42
N CYS A 302 14.18 -14.16 -2.80
CA CYS A 302 15.12 -15.30 -2.61
C CYS A 302 15.21 -16.19 -3.86
N SER A 303 14.24 -16.15 -4.78
CA SER A 303 14.25 -16.95 -6.04
C SER A 303 14.45 -16.09 -7.31
N GLY A 304 14.51 -14.76 -7.21
CA GLY A 304 14.85 -13.84 -8.33
C GLY A 304 13.75 -13.73 -9.39
N VAL A 305 12.48 -13.80 -9.00
CA VAL A 305 11.30 -13.65 -9.91
C VAL A 305 11.38 -12.28 -10.61
N THR A 306 11.08 -12.24 -11.91
CA THR A 306 11.17 -11.02 -12.77
C THR A 306 9.81 -10.78 -13.46
N PHE A 307 9.69 -9.68 -14.21
CA PHE A 307 8.40 -9.11 -14.71
C PHE A 307 8.54 -8.71 -16.19
C21 P6S B 1 -4.96 16.26 6.73
C22 P6S B 1 -3.62 16.91 6.58
C24 P6S B 1 -2.11 18.62 5.54
C26 P6S B 1 -1.26 17.09 7.19
C19 P6S B 1 -5.76 15.97 4.51
C23 P6S B 1 -3.38 18.00 5.68
C25 P6S B 1 -1.06 18.18 6.33
C27 P6S B 1 -2.52 16.50 7.34
O20 P6S B 1 -5.84 16.57 5.70
O28 P6S B 1 -4.92 15.10 4.36
N PHE B 2 -6.62 16.44 3.62
CA PHE B 2 -6.53 16.01 2.28
C PHE B 2 -5.14 16.32 1.75
OAD ELL B 3 -0.86 12.66 2.71
CD2 ELL B 3 -0.82 13.83 2.87
NAH ELL B 3 0.12 14.53 3.57
CAE ELL B 3 -0.15 15.99 3.61
CD1 ELL B 3 -1.26 16.30 2.67
CG ELL B 3 -1.83 14.88 2.31
CB ELL B 3 -2.16 14.61 0.85
CA ELL B 3 -3.25 15.57 0.31
N ELL B 3 -4.52 15.40 0.98
C ELL B 3 -3.37 15.35 -1.24
O ELL B 3 -2.34 15.73 -1.95
C1 GOL C . -18.78 22.33 -21.59
C1 GOL C . -16.82 21.02 -21.84
O1 GOL C . -19.74 21.31 -21.85
O1 GOL C . -17.62 20.22 -22.69
C2 GOL C . -17.64 21.77 -20.78
C2 GOL C . -17.67 21.73 -20.81
O2 GOL C . -16.88 22.81 -20.18
O2 GOL C . -16.90 22.77 -20.20
C3 GOL C . -18.12 20.78 -19.74
C3 GOL C . -18.99 22.22 -21.37
O3 GOL C . -18.90 21.42 -18.74
O3 GOL C . -19.23 23.59 -21.08
NA NA D . -12.29 20.58 -21.35
#